data_3U4D
#
_entry.id   3U4D
#
_cell.length_a   69.006
_cell.length_b   69.006
_cell.length_c   207.049
_cell.angle_alpha   90.00
_cell.angle_beta   90.00
_cell.angle_gamma   120.00
#
_symmetry.space_group_name_H-M   'P 62 2 2'
#
loop_
_entity.id
_entity.type
_entity.pdbx_description
1 polymer 'Bacilysin biosynthesis oxidoreductase ywfH'
2 water water
#
_entity_poly.entity_id   1
_entity_poly.type   'polypeptide(L)'
_entity_poly.pdbx_seq_one_letter_code
;MGSSHHHHHHSSGLVPRGSHMSKRTAFVMGASQGIGKAIALKLADQHFSLVINSRNLDNIESVKEDILAKHPEASVIVLA
GDMSDQHTRAGIFQKIESQCGRLDVLINNIPGGAPDTFDNCNIEDMTATFTQKTVAYIDAIKRASSLMKQNEFGRIINIV
GNLWKEPGANMFTNSMMNAALINASKNISIQLAPHNITVNCLNPGFIATDRYHQFVENVMKKNSISKQKAEEQIASGIPM
KRVGSAEETAALAAFLASEEASYITGQQISADGGSMKSILE
;
_entity_poly.pdbx_strand_id   A
#
# COMPACT_ATOMS: atom_id res chain seq x y z
N SER A 22 12.70 -15.75 -10.66
CA SER A 22 13.72 -15.34 -9.69
C SER A 22 13.22 -15.39 -8.25
N LYS A 23 14.08 -15.01 -7.30
CA LYS A 23 13.71 -14.96 -5.89
C LYS A 23 13.65 -13.53 -5.38
N ARG A 24 12.47 -12.94 -5.50
CA ARG A 24 12.26 -11.52 -5.30
C ARG A 24 12.15 -11.11 -3.82
N THR A 25 12.40 -9.84 -3.55
CA THR A 25 12.22 -9.28 -2.20
C THR A 25 11.14 -8.20 -2.22
N ALA A 26 10.20 -8.30 -1.27
CA ALA A 26 9.08 -7.39 -1.26
C ALA A 26 8.97 -6.67 0.07
N PHE A 27 8.79 -5.36 0.02
CA PHE A 27 8.59 -4.57 1.21
C PHE A 27 7.14 -4.12 1.31
N VAL A 28 6.47 -4.63 2.34
CA VAL A 28 5.06 -4.40 2.57
C VAL A 28 4.92 -3.60 3.86
N MET A 29 4.42 -2.37 3.74
CA MET A 29 4.37 -1.48 4.90
C MET A 29 2.97 -1.44 5.54
N GLY A 30 2.93 -1.10 6.83
CA GLY A 30 1.71 -1.12 7.59
C GLY A 30 1.03 -2.47 7.51
N ALA A 31 1.81 -3.52 7.71
CA ALA A 31 1.34 -4.88 7.50
C ALA A 31 1.17 -5.63 8.80
N SER A 32 1.01 -4.89 9.89
CA SER A 32 0.76 -5.49 11.19
C SER A 32 -0.62 -6.16 11.18
N GLN A 33 -1.46 -5.78 10.23
CA GLN A 33 -2.78 -6.36 10.13
C GLN A 33 -3.57 -5.80 8.94
N GLY A 34 -4.85 -6.19 8.84
CA GLY A 34 -5.71 -5.67 7.79
C GLY A 34 -5.31 -6.08 6.38
N ILE A 35 -5.23 -5.09 5.49
CA ILE A 35 -4.90 -5.30 4.07
C ILE A 35 -3.43 -5.68 3.87
N GLY A 36 -2.56 -4.94 4.56
CA GLY A 36 -1.14 -5.17 4.49
C GLY A 36 -0.78 -6.54 5.02
N LYS A 37 -1.38 -6.93 6.13
CA LYS A 37 -1.15 -8.26 6.64
C LYS A 37 -1.54 -9.33 5.60
N ALA A 38 -2.63 -9.08 4.91
CA ALA A 38 -3.16 -10.04 3.93
C ALA A 38 -2.22 -10.16 2.75
N ILE A 39 -1.64 -9.03 2.36
CA ILE A 39 -0.77 -8.98 1.19
C ILE A 39 0.51 -9.71 1.57
N ALA A 40 0.92 -9.52 2.81
CA ALA A 40 2.11 -10.17 3.36
C ALA A 40 2.02 -11.70 3.29
N LEU A 41 0.87 -12.25 3.67
CA LEU A 41 0.74 -13.70 3.69
C LEU A 41 0.68 -14.27 2.27
N LYS A 42 -0.13 -13.67 1.42
CA LYS A 42 -0.22 -14.09 0.03
C LYS A 42 1.14 -13.99 -0.65
N LEU A 43 1.88 -12.91 -0.38
CA LEU A 43 3.21 -12.75 -0.96
C LEU A 43 4.18 -13.80 -0.40
N ALA A 44 3.99 -14.17 0.85
CA ALA A 44 4.75 -15.25 1.45
C ALA A 44 4.33 -16.57 0.84
N ASP A 45 3.02 -16.72 0.64
CA ASP A 45 2.43 -17.88 -0.02
C ASP A 45 3.09 -18.20 -1.36
N GLN A 46 3.81 -17.22 -1.91
CA GLN A 46 4.36 -17.31 -3.25
C GLN A 46 5.87 -17.15 -3.19
N HIS A 47 6.41 -17.33 -2.00
CA HIS A 47 7.85 -17.46 -1.84
C HIS A 47 8.63 -16.20 -2.24
N PHE A 48 8.03 -15.07 -1.94
CA PHE A 48 8.73 -13.80 -1.96
C PHE A 48 9.53 -13.67 -0.66
N SER A 49 10.73 -13.09 -0.73
CA SER A 49 11.43 -12.65 0.46
C SER A 49 10.80 -11.37 1.01
N LEU A 50 10.44 -11.39 2.29
CA LEU A 50 9.65 -10.33 2.87
C LEU A 50 10.38 -9.41 3.82
N VAL A 51 10.16 -8.12 3.63
CA VAL A 51 10.51 -7.13 4.62
C VAL A 51 9.21 -6.48 5.03
N ILE A 52 8.90 -6.53 6.31
CA ILE A 52 7.60 -6.05 6.76
C ILE A 52 7.69 -4.94 7.83
N ASN A 53 6.63 -4.14 7.91
CA ASN A 53 6.63 -2.95 8.72
C ASN A 53 5.28 -2.54 9.29
N SER A 54 5.30 -2.07 10.53
CA SER A 54 4.23 -1.26 11.09
C SER A 54 4.80 -0.45 12.24
N ARG A 55 3.96 0.38 12.86
CA ARG A 55 4.39 1.20 13.99
C ARG A 55 4.66 0.34 15.20
N ASN A 56 3.82 -0.67 15.37
CA ASN A 56 3.88 -1.57 16.53
C ASN A 56 4.81 -2.77 16.33
N LEU A 57 5.93 -2.77 17.06
CA LEU A 57 6.92 -3.86 16.96
C LEU A 57 6.33 -5.20 17.37
N ASP A 58 5.50 -5.20 18.40
CA ASP A 58 4.93 -6.44 18.89
C ASP A 58 3.88 -7.06 17.96
N ASN A 59 2.96 -6.22 17.46
CA ASN A 59 1.95 -6.65 16.48
C ASN A 59 2.55 -7.19 15.18
N ILE A 60 3.64 -6.55 14.74
CA ILE A 60 4.29 -6.93 13.51
C ILE A 60 5.08 -8.25 13.69
N GLU A 61 5.84 -8.35 14.77
CA GLU A 61 6.52 -9.60 15.13
C GLU A 61 5.58 -10.78 14.98
N SER A 62 4.41 -10.66 15.61
CA SER A 62 3.41 -11.71 15.59
C SER A 62 3.09 -12.20 14.17
N VAL A 63 3.14 -11.27 13.20
CA VAL A 63 2.89 -11.65 11.82
C VAL A 63 4.03 -12.52 11.30
N LYS A 64 5.27 -12.12 11.61
CA LYS A 64 6.42 -12.92 11.22
C LYS A 64 6.29 -14.32 11.76
N GLU A 65 5.89 -14.44 13.03
CA GLU A 65 5.68 -15.74 13.63
C GLU A 65 4.60 -16.50 12.89
N ASP A 66 3.54 -15.80 12.52
CA ASP A 66 2.45 -16.43 11.79
C ASP A 66 2.95 -16.95 10.44
N ILE A 67 3.83 -16.19 9.80
CA ILE A 67 4.32 -16.54 8.46
C ILE A 67 5.33 -17.68 8.52
N LEU A 68 6.30 -17.55 9.40
CA LEU A 68 7.27 -18.63 9.63
C LEU A 68 6.58 -19.93 10.01
N ALA A 69 5.50 -19.82 10.78
CA ALA A 69 4.74 -20.98 11.19
C ALA A 69 4.13 -21.75 10.02
N LYS A 70 3.52 -21.04 9.08
CA LYS A 70 2.94 -21.66 7.90
C LYS A 70 4.07 -22.04 6.93
N HIS A 71 5.08 -21.17 6.85
CA HIS A 71 6.27 -21.46 6.05
C HIS A 71 7.57 -21.30 6.85
N PRO A 72 8.08 -22.41 7.40
CA PRO A 72 9.31 -22.47 8.22
C PRO A 72 10.55 -21.85 7.59
N GLU A 73 10.70 -21.97 6.27
CA GLU A 73 11.90 -21.50 5.60
C GLU A 73 11.88 -20.01 5.20
N ALA A 74 10.73 -19.36 5.39
CA ALA A 74 10.56 -17.96 5.03
C ALA A 74 11.68 -17.00 5.47
N SER A 75 12.06 -16.09 4.56
CA SER A 75 12.89 -14.96 4.89
C SER A 75 12.04 -13.71 5.14
N VAL A 76 11.65 -13.52 6.40
CA VAL A 76 10.90 -12.34 6.82
C VAL A 76 11.79 -11.41 7.64
N ILE A 77 11.78 -10.13 7.30
CA ILE A 77 12.50 -9.12 8.07
C ILE A 77 11.51 -8.11 8.66
N VAL A 78 11.67 -7.83 9.94
CA VAL A 78 10.79 -6.86 10.57
C VAL A 78 11.51 -5.54 10.83
N LEU A 79 10.95 -4.47 10.27
CA LEU A 79 11.49 -3.14 10.51
C LEU A 79 10.35 -2.26 10.97
N ALA A 80 10.16 -2.24 12.29
CA ALA A 80 9.12 -1.41 12.90
C ALA A 80 9.48 0.02 12.61
N GLY A 81 8.47 0.89 12.61
CA GLY A 81 8.72 2.27 12.29
C GLY A 81 7.51 2.94 11.70
N ASP A 82 7.56 4.27 11.65
CA ASP A 82 6.48 5.06 11.11
C ASP A 82 6.91 5.56 9.73
N MET A 83 6.30 4.95 8.70
CA MET A 83 6.65 5.26 7.32
C MET A 83 6.22 6.66 6.91
N SER A 84 5.36 7.27 7.70
CA SER A 84 5.00 8.67 7.49
C SER A 84 6.18 9.57 7.84
N ASP A 85 7.08 9.08 8.68
CA ASP A 85 8.24 9.87 9.07
C ASP A 85 9.35 9.84 8.02
N GLN A 86 9.72 11.03 7.54
CA GLN A 86 10.73 11.20 6.52
C GLN A 86 12.02 10.44 6.87
N HIS A 87 12.49 10.64 8.09
CA HIS A 87 13.73 10.01 8.53
C HIS A 87 13.60 8.52 8.76
N THR A 88 12.49 8.09 9.34
CA THR A 88 12.28 6.67 9.53
C THR A 88 12.34 5.99 8.16
N ARG A 89 11.81 6.67 7.15
CA ARG A 89 11.81 6.17 5.77
C ARG A 89 13.19 5.89 5.25
N ALA A 90 14.02 6.93 5.24
CA ALA A 90 15.36 6.81 4.72
C ALA A 90 16.07 5.63 5.40
N GLY A 91 15.80 5.48 6.70
CA GLY A 91 16.48 4.48 7.49
C GLY A 91 16.06 3.08 7.12
N ILE A 92 14.75 2.92 6.95
CA ILE A 92 14.21 1.64 6.51
C ILE A 92 14.82 1.26 5.17
N PHE A 93 14.87 2.21 4.24
CA PHE A 93 15.37 1.89 2.91
C PHE A 93 16.85 1.59 2.93
N GLN A 94 17.59 2.36 3.73
CA GLN A 94 18.98 2.07 4.00
C GLN A 94 19.15 0.64 4.51
N LYS A 95 18.28 0.21 5.41
CA LYS A 95 18.41 -1.12 5.97
C LYS A 95 18.17 -2.17 4.91
N ILE A 96 17.05 -2.04 4.19
CA ILE A 96 16.68 -3.03 3.19
C ILE A 96 17.80 -3.18 2.17
N GLU A 97 18.30 -2.06 1.69
CA GLU A 97 19.44 -2.05 0.77
C GLU A 97 20.63 -2.78 1.40
N SER A 98 20.78 -2.65 2.71
CA SER A 98 21.86 -3.35 3.40
C SER A 98 21.62 -4.86 3.56
N GLN A 99 20.50 -5.24 4.16
CA GLN A 99 20.23 -6.63 4.47
C GLN A 99 19.72 -7.45 3.30
N CYS A 100 19.30 -6.77 2.25
CA CYS A 100 18.66 -7.43 1.11
C CYS A 100 19.43 -7.28 -0.19
N GLY A 101 20.10 -6.14 -0.36
CA GLY A 101 20.89 -5.86 -1.54
C GLY A 101 20.08 -5.53 -2.79
N ARG A 102 18.76 -5.65 -2.67
CA ARG A 102 17.84 -5.49 -3.79
C ARG A 102 16.48 -5.10 -3.26
N LEU A 103 15.60 -4.70 -4.16
CA LEU A 103 14.17 -4.60 -3.86
C LEU A 103 13.37 -4.66 -5.17
N ASP A 104 12.41 -5.56 -5.20
CA ASP A 104 11.65 -5.81 -6.43
C ASP A 104 10.25 -5.22 -6.36
N VAL A 105 9.60 -5.44 -5.23
CA VAL A 105 8.23 -5.02 -5.05
C VAL A 105 8.14 -4.05 -3.89
N LEU A 106 7.41 -2.95 -4.12
CA LEU A 106 7.03 -2.01 -3.06
C LEU A 106 5.51 -1.96 -2.90
N ILE A 107 5.07 -2.02 -1.65
CA ILE A 107 3.65 -1.89 -1.33
C ILE A 107 3.42 -0.63 -0.49
N ASN A 108 3.14 0.48 -1.15
CA ASN A 108 2.84 1.70 -0.42
C ASN A 108 1.51 1.59 0.26
N ASN A 109 1.54 1.48 1.58
CA ASN A 109 0.33 1.26 2.32
C ASN A 109 0.35 2.07 3.58
N ILE A 110 -0.17 3.29 3.48
CA ILE A 110 -0.26 4.17 4.63
C ILE A 110 -1.66 4.75 4.68
N PRO A 111 -2.26 4.74 5.86
CA PRO A 111 -3.62 5.29 5.97
C PRO A 111 -3.64 6.79 5.69
N GLY A 112 -4.76 7.27 5.14
CA GLY A 112 -4.98 8.69 5.01
C GLY A 112 -5.27 9.34 6.36
N GLY A 113 -5.58 10.63 6.33
CA GLY A 113 -5.89 11.37 7.53
C GLY A 113 -7.27 11.04 8.07
N ALA A 114 -7.70 11.78 9.09
CA ALA A 114 -9.03 11.59 9.64
C ALA A 114 -10.06 12.23 8.71
N PRO A 115 -11.31 11.75 8.75
CA PRO A 115 -12.28 12.32 7.83
C PRO A 115 -12.57 13.78 8.17
N ASP A 116 -12.84 14.57 7.13
CA ASP A 116 -13.22 15.95 7.32
C ASP A 116 -14.20 16.42 6.24
N THR A 117 -14.59 17.69 6.32
CA THR A 117 -15.64 18.21 5.48
C THR A 117 -15.12 19.51 4.94
N PHE A 118 -15.56 19.92 3.78
CA PHE A 118 -15.15 21.22 3.32
C PHE A 118 -15.50 22.23 4.41
N ASP A 119 -16.66 22.08 5.03
CA ASP A 119 -17.02 22.98 6.12
C ASP A 119 -16.11 22.77 7.30
N ASN A 120 -16.01 21.53 7.77
CA ASN A 120 -15.32 21.27 9.03
C ASN A 120 -13.79 21.22 8.95
N CYS A 121 -13.25 21.19 7.73
CA CYS A 121 -11.82 20.97 7.55
C CYS A 121 -10.99 22.15 8.06
N ASN A 122 -9.74 21.87 8.43
CA ASN A 122 -8.80 22.95 8.71
C ASN A 122 -7.47 22.68 8.06
N ILE A 123 -6.73 23.77 7.84
CA ILE A 123 -5.58 23.76 6.97
C ILE A 123 -4.29 23.24 7.61
N GLU A 124 -4.16 23.36 8.91
CA GLU A 124 -3.02 22.78 9.59
C GLU A 124 -3.01 21.27 9.33
N ASP A 125 -4.14 20.62 9.64
CA ASP A 125 -4.28 19.17 9.41
C ASP A 125 -4.18 18.76 7.95
N MET A 126 -4.62 19.63 7.03
CA MET A 126 -4.57 19.25 5.63
C MET A 126 -3.15 19.02 5.22
N THR A 127 -2.30 19.99 5.53
CA THR A 127 -0.87 19.91 5.28
C THR A 127 -0.28 18.63 5.89
N ALA A 128 -0.66 18.36 7.13
CA ALA A 128 -0.24 17.14 7.82
C ALA A 128 -0.60 15.92 6.99
N THR A 129 -1.89 15.71 6.78
CA THR A 129 -2.38 14.62 5.96
C THR A 129 -1.64 14.51 4.64
N PHE A 130 -1.46 15.64 3.96
CA PHE A 130 -0.74 15.64 2.71
C PHE A 130 0.64 15.02 2.89
N THR A 131 1.31 15.50 3.91
CA THR A 131 2.64 15.04 4.22
C THR A 131 2.62 13.59 4.65
N GLN A 132 1.60 13.22 5.43
CA GLN A 132 1.51 11.92 6.06
C GLN A 132 1.39 10.75 5.09
N LYS A 133 0.63 10.94 4.01
CA LYS A 133 0.32 9.88 3.06
C LYS A 133 0.94 10.16 1.70
N THR A 134 0.51 11.26 1.10
CA THR A 134 0.90 11.56 -0.27
C THR A 134 2.40 11.66 -0.48
N VAL A 135 3.04 12.61 0.21
CA VAL A 135 4.49 12.75 0.19
C VAL A 135 5.19 11.44 0.58
N ALA A 136 4.70 10.81 1.63
CA ALA A 136 5.25 9.56 2.09
C ALA A 136 5.39 8.58 0.93
N TYR A 137 4.33 8.43 0.16
CA TYR A 137 4.30 7.41 -0.88
C TYR A 137 5.35 7.71 -1.94
N ILE A 138 5.45 8.99 -2.27
CA ILE A 138 6.33 9.43 -3.34
C ILE A 138 7.79 9.26 -2.95
N ASP A 139 8.14 9.71 -1.75
CA ASP A 139 9.48 9.54 -1.24
C ASP A 139 9.83 8.07 -1.26
N ALA A 140 8.88 7.26 -0.77
CA ALA A 140 9.04 5.81 -0.68
C ALA A 140 9.33 5.22 -2.06
N ILE A 141 8.69 5.78 -3.08
CA ILE A 141 8.90 5.30 -4.43
C ILE A 141 10.29 5.72 -4.92
N LYS A 142 10.65 6.98 -4.68
CA LYS A 142 12.00 7.46 -4.96
C LYS A 142 13.08 6.49 -4.47
N ARG A 143 12.98 6.11 -3.21
CA ARG A 143 13.92 5.18 -2.61
C ARG A 143 13.80 3.78 -3.23
N ALA A 144 12.58 3.26 -3.29
CA ALA A 144 12.37 1.95 -3.88
C ALA A 144 12.98 1.92 -5.28
N SER A 145 12.69 2.95 -6.08
CA SER A 145 13.00 2.90 -7.50
C SER A 145 14.49 2.79 -7.78
N SER A 146 15.31 3.60 -7.13
CA SER A 146 16.73 3.58 -7.42
C SER A 146 17.33 2.27 -6.95
N LEU A 147 16.66 1.65 -5.98
CA LEU A 147 17.02 0.29 -5.59
C LEU A 147 16.62 -0.66 -6.69
N MET A 148 15.36 -0.56 -7.09
CA MET A 148 14.79 -1.36 -8.16
C MET A 148 15.56 -1.16 -9.47
N LYS A 149 15.94 0.06 -9.78
CA LYS A 149 16.60 0.36 -11.05
C LYS A 149 17.85 -0.49 -11.20
N GLN A 150 18.38 -0.96 -10.08
CA GLN A 150 19.63 -1.71 -10.07
C GLN A 150 19.53 -3.04 -10.81
N ASN A 151 18.33 -3.60 -10.81
CA ASN A 151 18.08 -4.89 -11.43
C ASN A 151 17.12 -4.80 -12.61
N GLU A 152 16.96 -3.58 -13.14
CA GLU A 152 16.02 -3.28 -14.21
C GLU A 152 14.70 -4.04 -14.04
N PHE A 153 14.21 -4.05 -12.80
CA PHE A 153 12.94 -4.67 -12.47
C PHE A 153 12.32 -4.11 -11.18
N GLY A 154 11.00 -3.93 -11.20
CA GLY A 154 10.28 -3.53 -10.00
C GLY A 154 8.77 -3.57 -10.16
N ARG A 155 8.09 -3.63 -9.02
CA ARG A 155 6.64 -3.63 -9.00
C ARG A 155 6.20 -2.67 -7.92
N ILE A 156 5.74 -1.49 -8.28
CA ILE A 156 5.15 -0.61 -7.27
C ILE A 156 3.62 -0.60 -7.28
N ILE A 157 3.05 -1.11 -6.19
CA ILE A 157 1.60 -1.06 -5.98
C ILE A 157 1.27 -0.04 -4.89
N ASN A 158 0.40 0.91 -5.23
CA ASN A 158 -0.05 1.90 -4.26
C ASN A 158 -1.43 1.64 -3.72
N ILE A 159 -1.52 1.36 -2.42
CA ILE A 159 -2.85 1.33 -1.81
C ILE A 159 -3.43 2.73 -1.68
N VAL A 160 -4.45 2.98 -2.48
CA VAL A 160 -5.15 4.25 -2.52
C VAL A 160 -6.66 3.93 -2.35
N GLY A 161 -7.50 4.93 -2.33
CA GLY A 161 -8.92 4.71 -2.14
C GLY A 161 -9.75 5.53 -3.10
N ASN A 162 -11.02 5.69 -2.79
CA ASN A 162 -11.90 6.37 -3.73
C ASN A 162 -12.04 7.88 -3.56
N LEU A 163 -12.20 8.53 -4.71
CA LEU A 163 -12.63 9.90 -4.80
C LEU A 163 -14.13 9.73 -5.04
N TRP A 164 -14.88 10.69 -5.60
CA TRP A 164 -14.59 12.10 -5.74
C TRP A 164 -15.71 12.71 -4.96
N LYS A 165 -16.67 11.83 -4.72
CA LYS A 165 -18.09 12.16 -4.82
C LYS A 165 -18.76 12.57 -3.53
N GLU A 166 -18.88 13.88 -3.32
CA GLU A 166 -19.65 14.38 -2.20
C GLU A 166 -19.30 13.69 -0.88
N PRO A 167 -18.11 14.01 -0.34
CA PRO A 167 -17.81 13.79 1.08
C PRO A 167 -18.36 14.90 2.00
N GLY A 168 -19.65 14.82 2.37
CA GLY A 168 -20.54 13.75 1.97
C GLY A 168 -20.27 12.40 2.62
N ALA A 169 -19.01 11.96 2.51
CA ALA A 169 -18.49 10.79 3.22
C ALA A 169 -17.39 11.28 4.14
N ASN A 170 -17.38 12.59 4.37
CA ASN A 170 -16.41 13.22 5.24
C ASN A 170 -15.00 13.02 4.76
N MET A 171 -14.84 12.56 3.53
CA MET A 171 -13.51 12.28 3.01
C MET A 171 -12.96 13.41 2.13
N PHE A 172 -13.28 14.65 2.48
CA PHE A 172 -12.84 15.79 1.71
C PHE A 172 -11.33 15.83 1.43
N THR A 173 -10.50 15.88 2.47
CA THR A 173 -9.06 15.98 2.29
C THR A 173 -8.43 14.71 1.74
N ASN A 174 -8.97 13.57 2.14
CA ASN A 174 -8.43 12.30 1.67
C ASN A 174 -8.73 12.06 0.21
N SER A 175 -9.83 12.62 -0.26
CA SER A 175 -10.23 12.44 -1.64
C SER A 175 -9.33 13.27 -2.51
N MET A 176 -9.05 14.49 -2.09
CA MET A 176 -8.20 15.30 -2.92
C MET A 176 -6.77 14.73 -2.91
N MET A 177 -6.43 14.03 -1.83
CA MET A 177 -5.12 13.41 -1.75
C MET A 177 -5.09 12.21 -2.65
N ASN A 178 -6.18 11.47 -2.66
CA ASN A 178 -6.24 10.28 -3.51
C ASN A 178 -6.10 10.66 -4.98
N ALA A 179 -6.77 11.74 -5.35
CA ALA A 179 -6.65 12.30 -6.69
C ALA A 179 -5.20 12.64 -7.01
N ALA A 180 -4.55 13.41 -6.15
CA ALA A 180 -3.17 13.82 -6.40
C ALA A 180 -2.27 12.58 -6.61
N LEU A 181 -2.48 11.58 -5.78
CA LEU A 181 -1.77 10.32 -5.84
C LEU A 181 -2.02 9.53 -7.15
N ILE A 182 -3.27 9.53 -7.61
CA ILE A 182 -3.56 8.91 -8.89
C ILE A 182 -2.77 9.62 -9.97
N ASN A 183 -2.75 10.95 -9.92
CA ASN A 183 -2.11 11.74 -10.96
C ASN A 183 -0.63 11.49 -10.99
N ALA A 184 -0.04 11.52 -9.79
CA ALA A 184 1.39 11.38 -9.62
C ALA A 184 1.89 10.01 -10.09
N SER A 185 1.11 8.97 -9.83
CA SER A 185 1.50 7.62 -10.21
C SER A 185 1.52 7.48 -11.71
N LYS A 186 0.55 8.11 -12.36
CA LYS A 186 0.47 8.00 -13.80
C LYS A 186 1.80 8.56 -14.31
N ASN A 187 2.12 9.75 -13.87
CA ASN A 187 3.35 10.41 -14.23
C ASN A 187 4.54 9.49 -13.97
N ILE A 188 4.67 9.04 -12.74
CA ILE A 188 5.80 8.23 -12.33
C ILE A 188 5.87 6.97 -13.18
N SER A 189 4.73 6.38 -13.47
CA SER A 189 4.70 5.12 -14.20
C SER A 189 5.40 5.29 -15.53
N ILE A 190 5.22 6.46 -16.12
CA ILE A 190 5.78 6.77 -17.42
C ILE A 190 7.27 6.94 -17.32
N GLN A 191 7.69 7.56 -16.23
CA GLN A 191 9.10 7.87 -16.04
C GLN A 191 9.91 6.61 -15.75
N LEU A 192 9.24 5.58 -15.21
CA LEU A 192 9.93 4.38 -14.72
C LEU A 192 9.76 3.15 -15.60
N ALA A 193 8.80 3.18 -16.50
CA ALA A 193 8.57 2.08 -17.43
C ALA A 193 9.87 1.64 -18.12
N PRO A 194 10.58 2.58 -18.76
CA PRO A 194 11.88 2.26 -19.37
C PRO A 194 12.76 1.29 -18.57
N HIS A 195 12.51 1.23 -17.27
CA HIS A 195 13.38 0.50 -16.37
C HIS A 195 12.73 -0.80 -15.91
N ASN A 196 11.61 -1.15 -16.54
CA ASN A 196 10.86 -2.37 -16.22
C ASN A 196 10.31 -2.35 -14.80
N ILE A 197 9.74 -1.21 -14.45
CA ILE A 197 9.16 -1.00 -13.14
C ILE A 197 7.70 -0.54 -13.30
N THR A 198 6.76 -1.40 -12.95
CA THR A 198 5.36 -1.02 -13.10
C THR A 198 4.88 -0.27 -11.86
N VAL A 199 4.00 0.70 -12.08
CA VAL A 199 3.45 1.50 -11.00
C VAL A 199 1.96 1.50 -11.19
N ASN A 200 1.25 0.87 -10.27
CA ASN A 200 -0.21 0.83 -10.35
C ASN A 200 -0.83 1.12 -9.01
N CYS A 201 -2.01 1.70 -9.06
CA CYS A 201 -2.72 2.01 -7.84
C CYS A 201 -3.82 0.99 -7.66
N LEU A 202 -3.96 0.55 -6.42
CA LEU A 202 -4.99 -0.41 -6.08
C LEU A 202 -5.91 0.22 -5.04
N ASN A 203 -7.15 0.43 -5.43
CA ASN A 203 -8.15 1.01 -4.54
C ASN A 203 -9.10 -0.01 -4.04
N PRO A 204 -8.92 -0.43 -2.78
CA PRO A 204 -9.88 -1.36 -2.21
C PRO A 204 -11.11 -0.52 -1.82
N GLY A 205 -12.14 -1.18 -1.29
CA GLY A 205 -13.36 -0.49 -0.91
C GLY A 205 -13.63 -0.54 0.58
N PHE A 206 -13.75 -1.75 1.13
CA PHE A 206 -14.20 -1.91 2.51
C PHE A 206 -13.58 -3.17 3.11
N ILE A 207 -12.99 -3.07 4.31
CA ILE A 207 -12.30 -4.23 4.92
C ILE A 207 -12.33 -4.36 6.47
N ALA A 208 -11.34 -3.79 7.15
CA ALA A 208 -11.28 -3.85 8.62
C ALA A 208 -10.67 -2.57 9.18
N THR A 209 -11.55 -1.68 9.64
CA THR A 209 -11.19 -0.31 9.99
C THR A 209 -12.39 0.47 10.52
N ASP A 210 -12.53 0.40 11.83
CA ASP A 210 -13.46 1.23 12.61
C ASP A 210 -14.71 1.76 11.94
N ARG A 211 -14.72 3.08 11.73
N ARG A 211 -14.73 3.07 11.69
CA ARG A 211 -15.90 3.84 11.35
CA ARG A 211 -15.96 3.76 11.31
C ARG A 211 -17.02 3.65 12.38
C ARG A 211 -16.93 3.80 12.48
N TYR A 212 -18.05 4.48 12.28
CA TYR A 212 -19.12 4.50 13.27
C TYR A 212 -20.44 4.17 12.59
N ALA A 230 -27.52 -5.84 12.87
CA ALA A 230 -27.90 -4.91 11.82
C ALA A 230 -27.18 -3.57 11.94
N GLU A 231 -27.92 -2.48 11.70
CA GLU A 231 -27.38 -1.12 11.76
C GLU A 231 -26.16 -0.97 10.83
N GLU A 232 -26.41 -1.04 9.53
CA GLU A 232 -25.30 -1.13 8.56
C GLU A 232 -25.79 -1.60 7.19
N GLN A 233 -26.55 -0.76 6.50
CA GLN A 233 -26.95 -1.06 5.13
C GLN A 233 -26.09 -0.32 4.10
N ILE A 234 -24.80 -0.17 4.37
CA ILE A 234 -23.86 0.35 3.40
C ILE A 234 -23.61 -0.74 2.37
N ALA A 235 -23.88 -1.97 2.80
CA ALA A 235 -23.91 -3.10 1.90
C ALA A 235 -24.92 -2.82 0.79
N SER A 236 -25.88 -1.94 1.07
CA SER A 236 -26.81 -1.47 0.05
C SER A 236 -26.33 -0.14 -0.55
N GLY A 237 -25.76 -0.22 -1.75
CA GLY A 237 -25.12 0.90 -2.41
C GLY A 237 -23.93 0.38 -3.22
N ILE A 238 -23.50 -0.81 -2.85
CA ILE A 238 -22.45 -1.53 -3.55
C ILE A 238 -23.11 -2.59 -4.42
N PRO A 239 -22.80 -2.60 -5.72
CA PRO A 239 -23.35 -3.57 -6.68
C PRO A 239 -23.26 -5.05 -6.24
N MET A 240 -22.07 -5.53 -5.87
CA MET A 240 -21.92 -6.92 -5.43
C MET A 240 -22.69 -7.22 -4.15
N LYS A 241 -23.17 -6.15 -3.51
CA LYS A 241 -23.97 -6.21 -2.29
C LYS A 241 -23.19 -6.72 -1.09
N ARG A 242 -21.89 -6.97 -1.29
CA ARG A 242 -20.99 -7.42 -0.22
C ARG A 242 -19.82 -6.44 -0.05
N VAL A 243 -19.08 -6.58 1.04
CA VAL A 243 -17.88 -5.75 1.26
C VAL A 243 -16.61 -6.54 1.01
N GLY A 244 -15.56 -5.82 0.64
CA GLY A 244 -14.31 -6.44 0.23
C GLY A 244 -13.76 -7.40 1.25
N SER A 245 -12.75 -8.15 0.86
CA SER A 245 -12.00 -8.92 1.82
C SER A 245 -10.54 -8.69 1.50
N ALA A 246 -9.72 -8.60 2.54
CA ALA A 246 -8.29 -8.38 2.36
C ALA A 246 -7.67 -9.40 1.43
N GLU A 247 -8.18 -10.64 1.44
CA GLU A 247 -7.67 -11.68 0.54
C GLU A 247 -7.96 -11.32 -0.91
N GLU A 248 -9.16 -10.80 -1.14
CA GLU A 248 -9.50 -10.42 -2.50
C GLU A 248 -8.54 -9.33 -2.95
N THR A 249 -8.37 -8.34 -2.09
CA THR A 249 -7.50 -7.21 -2.37
C THR A 249 -6.08 -7.73 -2.57
N ALA A 250 -5.69 -8.67 -1.73
CA ALA A 250 -4.34 -9.22 -1.75
C ALA A 250 -4.07 -10.10 -2.99
N ALA A 251 -5.10 -10.74 -3.50
CA ALA A 251 -4.97 -11.60 -4.67
C ALA A 251 -4.57 -10.74 -5.84
N LEU A 252 -5.18 -9.55 -5.89
CA LEU A 252 -4.90 -8.55 -6.91
C LEU A 252 -3.48 -8.03 -6.82
N ALA A 253 -3.12 -7.54 -5.63
CA ALA A 253 -1.80 -6.96 -5.41
C ALA A 253 -0.71 -8.00 -5.69
N ALA A 254 -0.98 -9.24 -5.30
CA ALA A 254 -0.04 -10.31 -5.59
C ALA A 254 0.17 -10.43 -7.10
N PHE A 255 -0.91 -10.34 -7.88
CA PHE A 255 -0.81 -10.49 -9.32
C PHE A 255 -0.02 -9.38 -9.95
N LEU A 256 -0.35 -8.16 -9.56
CA LEU A 256 0.36 -6.98 -10.02
C LEU A 256 1.85 -7.08 -9.71
N ALA A 257 2.15 -7.76 -8.60
CA ALA A 257 3.54 -7.96 -8.16
C ALA A 257 4.30 -8.99 -8.97
N SER A 258 3.58 -9.81 -9.71
CA SER A 258 4.18 -10.95 -10.42
C SER A 258 4.94 -10.55 -11.69
N GLU A 259 5.69 -11.50 -12.21
CA GLU A 259 6.41 -11.33 -13.47
C GLU A 259 5.49 -11.12 -14.67
N GLU A 260 4.38 -11.87 -14.73
CA GLU A 260 3.48 -11.79 -15.87
C GLU A 260 2.77 -10.43 -15.97
N ALA A 261 2.89 -9.62 -14.93
CA ALA A 261 2.23 -8.33 -14.90
C ALA A 261 3.19 -7.23 -15.37
N SER A 262 4.09 -7.60 -16.26
CA SER A 262 5.19 -6.74 -16.68
C SER A 262 4.79 -5.68 -17.69
N TYR A 263 3.61 -5.82 -18.27
CA TYR A 263 3.14 -4.88 -19.28
C TYR A 263 1.98 -4.02 -18.77
N ILE A 264 1.72 -4.16 -17.48
CA ILE A 264 0.63 -3.45 -16.84
C ILE A 264 1.22 -2.39 -15.91
N THR A 265 1.09 -1.13 -16.33
CA THR A 265 1.60 -0.02 -15.55
C THR A 265 0.69 1.17 -15.74
N GLY A 266 0.84 2.17 -14.86
CA GLY A 266 0.02 3.36 -14.91
C GLY A 266 -1.46 3.08 -14.77
N GLN A 267 -1.79 1.97 -14.13
CA GLN A 267 -3.19 1.59 -14.05
C GLN A 267 -3.87 1.89 -12.71
N GLN A 268 -5.18 1.91 -12.77
CA GLN A 268 -6.01 2.23 -11.64
C GLN A 268 -7.10 1.17 -11.60
N ILE A 269 -7.06 0.33 -10.57
CA ILE A 269 -7.92 -0.83 -10.46
C ILE A 269 -8.52 -0.98 -9.07
N SER A 270 -9.84 -1.03 -9.01
CA SER A 270 -10.57 -1.17 -7.76
C SER A 270 -10.95 -2.61 -7.49
N ALA A 271 -10.86 -2.99 -6.24
CA ALA A 271 -11.39 -4.26 -5.79
C ALA A 271 -12.57 -3.89 -4.90
N ASP A 272 -13.48 -3.08 -5.43
CA ASP A 272 -14.53 -2.44 -4.63
C ASP A 272 -15.92 -3.03 -4.84
N GLY A 273 -16.01 -4.06 -5.68
CA GLY A 273 -17.30 -4.60 -6.07
C GLY A 273 -18.24 -3.66 -6.84
N GLY A 274 -17.79 -2.44 -7.15
CA GLY A 274 -18.66 -1.44 -7.74
C GLY A 274 -18.62 -0.08 -7.07
N SER A 275 -18.57 0.96 -7.89
CA SER A 275 -18.45 2.32 -7.39
C SER A 275 -19.68 2.75 -6.62
#